data_3C9Q
#
_entry.id   3C9Q
#
_cell.length_a   34.322
_cell.length_b   64.039
_cell.length_c   113.660
_cell.angle_alpha   90.000
_cell.angle_beta   90.000
_cell.angle_gamma   90.000
#
_symmetry.space_group_name_H-M   'P 21 21 21'
#
loop_
_entity.id
_entity.type
_entity.pdbx_description
1 polymer 'Uncharacterized protein C8orf32'
2 polymer 'Synthetic peptide'
3 non-polymer 'SULFATE ION'
4 non-polymer 'CARBONATE ION'
5 non-polymer 1,2-ETHANEDIOL
6 water water
#
loop_
_entity_poly.entity_id
_entity_poly.type
_entity_poly.pdbx_seq_one_letter_code
_entity_poly.pdbx_strand_id
1 'polypeptide(L)'
;SEGNGPAAVHYQPASPPRDACVYSSCYCEENVWKLCEYIKNHDQYPLEECYAVFISNERK(MSE)IPIWKQQARPGDGPV
IWDYHVVLLHVSSGGQSFIYDLDTVLPFPCLFDTYVEDAIKSDDDIHPQFRRKFRVICADSYLKNFASDRSH(MSE)KDS
SGNWREPPPPYPCIETGDSK(MSE)NLNDFIS(MSE)DPKVGWGAVYTLSEFTHRFGSKNC
;
A
2 'polypeptide(L)' STA L
#
loop_
_chem_comp.id
_chem_comp.type
_chem_comp.name
_chem_comp.formula
CO3 non-polymer 'CARBONATE ION' 'C O3 -2'
EDO non-polymer 1,2-ETHANEDIOL 'C2 H6 O2'
SO4 non-polymer 'SULFATE ION' 'O4 S -2'
#
# COMPACT_ATOMS: atom_id res chain seq x y z
N ALA A 8 -10.76 19.61 1.95
CA ALA A 8 -11.29 20.25 0.71
C ALA A 8 -12.38 19.38 0.14
N VAL A 9 -13.57 19.93 0.05
CA VAL A 9 -14.66 19.01 -0.10
C VAL A 9 -14.93 18.65 -1.52
N HIS A 10 -14.34 19.36 -2.48
CA HIS A 10 -14.55 18.99 -3.89
C HIS A 10 -13.38 18.17 -4.45
N TYR A 11 -12.71 17.42 -3.59
CA TYR A 11 -11.52 16.65 -4.00
C TYR A 11 -11.78 15.78 -5.23
N GLN A 12 -10.97 16.00 -6.26
CA GLN A 12 -11.04 15.16 -7.46
C GLN A 12 -10.04 14.03 -7.33
N PRO A 13 -10.50 12.78 -7.49
CA PRO A 13 -9.52 11.69 -7.37
C PRO A 13 -8.30 11.77 -8.30
N ALA A 14 -7.18 11.31 -7.79
CA ALA A 14 -5.93 11.30 -8.55
C ALA A 14 -5.83 10.11 -9.51
N SER A 15 -6.79 9.21 -9.41
CA SER A 15 -6.74 7.98 -10.18
C SER A 15 -8.07 7.83 -10.94
N PRO A 16 -8.13 6.92 -11.90
CA PRO A 16 -9.44 6.52 -12.42
C PRO A 16 -10.30 5.87 -11.32
N PRO A 17 -11.60 5.66 -11.61
CA PRO A 17 -12.40 4.94 -10.63
C PRO A 17 -11.86 3.55 -10.44
N ARG A 18 -12.19 2.92 -9.30
CA ARG A 18 -11.68 1.58 -8.94
C ARG A 18 -11.71 0.56 -10.11
N ASP A 19 -12.86 0.46 -10.78
CA ASP A 19 -13.07 -0.56 -11.81
CA ASP A 19 -13.08 -0.56 -11.82
C ASP A 19 -12.22 -0.36 -13.06
N ALA A 20 -11.61 0.81 -13.19
CA ALA A 20 -10.78 1.11 -14.37
C ALA A 20 -9.29 1.03 -14.07
N CYS A 21 -8.91 0.78 -12.82
CA CYS A 21 -7.50 0.76 -12.48
C CYS A 21 -6.86 -0.60 -12.75
N VAL A 22 -5.56 -0.61 -13.04
CA VAL A 22 -4.82 -1.87 -13.23
C VAL A 22 -4.82 -2.60 -11.87
N TYR A 23 -5.19 -3.88 -11.87
CA TYR A 23 -5.32 -4.60 -10.64
C TYR A 23 -5.15 -6.09 -10.82
N SER A 24 -4.27 -6.66 -10.00
CA SER A 24 -4.21 -8.11 -9.83
C SER A 24 -4.23 -8.39 -8.33
N SER A 25 -5.13 -9.28 -7.90
CA SER A 25 -5.20 -9.65 -6.50
C SER A 25 -3.88 -10.23 -6.02
N CYS A 26 -3.46 -9.77 -4.83
CA CYS A 26 -2.23 -10.23 -4.17
C CYS A 26 -0.98 -9.73 -4.85
N TYR A 27 -1.11 -8.71 -5.73
CA TYR A 27 0.07 -7.96 -6.20
C TYR A 27 -0.07 -6.49 -5.86
N CYS A 28 -0.50 -6.20 -4.61
CA CYS A 28 -0.74 -4.82 -4.21
C CYS A 28 0.46 -3.88 -4.46
N GLU A 29 1.67 -4.42 -4.30
CA GLU A 29 2.83 -3.57 -4.55
C GLU A 29 2.86 -3.04 -6.01
N GLU A 30 2.41 -3.90 -6.94
CA GLU A 30 2.38 -3.48 -8.35
C GLU A 30 1.16 -2.61 -8.63
N ASN A 31 0.03 -2.96 -8.01
CA ASN A 31 -1.17 -2.17 -8.21
C ASN A 31 -0.89 -0.71 -7.81
N VAL A 32 -0.21 -0.53 -6.69
CA VAL A 32 0.15 0.82 -6.20
C VAL A 32 1.20 1.47 -7.13
N TRP A 33 2.17 0.68 -7.61
CA TRP A 33 3.12 1.22 -8.56
C TRP A 33 2.42 1.78 -9.79
N LYS A 34 1.40 1.04 -10.29
CA LYS A 34 0.68 1.50 -11.47
C LYS A 34 -0.15 2.77 -11.19
N LEU A 35 -0.67 2.89 -9.96
CA LEU A 35 -1.31 4.18 -9.59
C LEU A 35 -0.29 5.33 -9.61
N CYS A 36 0.92 5.07 -9.06
CA CYS A 36 1.95 6.13 -9.05
C CYS A 36 2.29 6.52 -10.49
N GLU A 37 2.43 5.53 -11.38
CA GLU A 37 2.78 5.81 -12.79
C GLU A 37 1.68 6.64 -13.46
N TYR A 38 0.42 6.31 -13.15
CA TYR A 38 -0.66 7.09 -13.72
C TYR A 38 -0.56 8.55 -13.28
N ILE A 39 -0.33 8.76 -11.99
CA ILE A 39 -0.30 10.11 -11.49
C ILE A 39 0.89 10.90 -12.11
N LYS A 40 2.06 10.22 -12.18
CA LYS A 40 3.22 10.84 -12.84
C LYS A 40 2.92 11.26 -14.30
N ASN A 41 2.15 10.39 -14.98
CA ASN A 41 1.89 10.60 -16.39
C ASN A 41 0.77 11.58 -16.68
N HIS A 42 0.09 12.05 -15.64
CA HIS A 42 -0.96 13.07 -15.80
C HIS A 42 -0.56 14.39 -15.15
N ASP A 43 -1.34 15.44 -15.42
CA ASP A 43 -1.03 16.82 -14.96
C ASP A 43 -2.01 17.34 -13.91
N GLN A 44 -2.56 16.43 -13.12
CA GLN A 44 -3.53 16.81 -12.13
C GLN A 44 -2.88 17.16 -10.80
N TYR A 45 -1.97 16.30 -10.32
CA TYR A 45 -1.32 16.50 -9.03
C TYR A 45 0.17 16.30 -9.17
N PRO A 46 0.96 17.08 -8.41
CA PRO A 46 2.38 16.82 -8.35
C PRO A 46 2.67 15.46 -7.73
N LEU A 47 3.59 14.70 -8.31
CA LEU A 47 3.94 13.40 -7.77
C LEU A 47 4.47 13.50 -6.33
N GLU A 48 5.08 14.65 -5.99
CA GLU A 48 5.61 14.94 -4.65
C GLU A 48 4.59 14.85 -3.52
N GLU A 49 3.31 14.92 -3.88
CA GLU A 49 2.23 14.85 -2.89
C GLU A 49 1.82 13.42 -2.62
N CYS A 50 2.47 12.45 -3.26
CA CYS A 50 1.97 11.08 -3.21
C CYS A 50 3.05 10.12 -2.66
N TYR A 51 2.58 9.05 -1.99
CA TYR A 51 3.47 8.09 -1.31
C TYR A 51 2.94 6.69 -1.50
N ALA A 52 3.85 5.77 -1.71
CA ALA A 52 3.49 4.35 -1.54
C ALA A 52 3.70 4.01 -0.08
N VAL A 53 2.76 3.28 0.52
CA VAL A 53 2.83 2.94 1.94
C VAL A 53 2.74 1.41 2.06
N PHE A 54 3.85 0.80 2.49
CA PHE A 54 3.85 -0.63 2.85
C PHE A 54 3.47 -0.75 4.32
N ILE A 55 2.56 -1.71 4.59
CA ILE A 55 2.11 -1.99 5.95
C ILE A 55 2.54 -3.42 6.25
N SER A 56 3.32 -3.57 7.32
CA SER A 56 3.77 -4.90 7.72
C SER A 56 4.34 -4.83 9.12
N ASN A 57 5.00 -5.91 9.51
CA ASN A 57 5.68 -5.94 10.80
C ASN A 57 6.72 -7.04 10.78
N GLU A 58 7.47 -7.21 11.86
CA GLU A 58 8.54 -8.18 11.85
C GLU A 58 8.03 -9.62 11.56
N ARG A 59 6.85 -9.97 12.07
CA ARG A 59 6.32 -11.33 11.91
C ARG A 59 5.52 -11.50 10.60
N LYS A 60 5.43 -10.43 9.85
CA LYS A 60 4.64 -10.41 8.58
C LYS A 60 3.24 -10.98 8.81
N MSE A 61 2.57 -10.43 9.82
N MSE A 61 2.55 -10.40 9.79
CA MSE A 61 1.19 -10.79 10.12
CA MSE A 61 1.17 -10.77 10.06
C MSE A 61 0.47 -9.54 10.61
C MSE A 61 0.49 -9.52 10.59
O MSE A 61 0.52 -9.22 11.80
O MSE A 61 0.62 -9.17 11.76
CB MSE A 61 1.09 -11.93 11.17
CB MSE A 61 1.06 -11.90 11.07
CG MSE A 61 1.35 -13.33 10.60
CG MSE A 61 2.04 -11.71 12.17
SE MSE A 61 1.15 -14.63 11.99
SE MSE A 61 2.26 -13.27 13.32
CE MSE A 61 2.84 -14.29 12.89
CE MSE A 61 2.00 -14.74 12.06
N ILE A 62 -0.22 -8.86 9.69
CA ILE A 62 -0.90 -7.61 10.05
C ILE A 62 -2.39 -7.69 9.72
N PRO A 63 -3.23 -7.44 10.71
CA PRO A 63 -4.66 -7.37 10.37
C PRO A 63 -5.04 -6.06 9.68
N ILE A 64 -5.91 -6.15 8.68
N ILE A 64 -5.95 -6.19 8.71
CA ILE A 64 -6.61 -4.95 8.19
CA ILE A 64 -6.59 -5.07 8.05
C ILE A 64 -8.05 -5.30 7.96
C ILE A 64 -8.09 -5.37 8.00
N TRP A 65 -8.92 -4.43 8.47
CA TRP A 65 -10.36 -4.56 8.38
C TRP A 65 -10.88 -3.90 7.09
N LYS A 66 -12.17 -4.08 6.83
CA LYS A 66 -12.82 -3.51 5.63
C LYS A 66 -12.16 -3.97 4.37
N GLN A 67 -11.86 -5.26 4.30
CA GLN A 67 -11.11 -5.79 3.15
C GLN A 67 -12.00 -6.65 2.26
N GLN A 68 -11.83 -6.49 0.95
CA GLN A 68 -12.66 -7.17 -0.05
C GLN A 68 -12.54 -8.66 0.06
N ALA A 69 -11.40 -9.15 0.57
CA ALA A 69 -11.23 -10.60 0.66
C ALA A 69 -12.11 -11.24 1.77
N ARG A 70 -12.58 -10.43 2.71
CA ARG A 70 -13.50 -10.95 3.73
C ARG A 70 -14.46 -9.86 4.23
N PRO A 71 -15.41 -9.48 3.39
CA PRO A 71 -16.27 -8.40 3.87
C PRO A 71 -17.12 -8.80 5.09
N GLY A 72 -17.31 -7.82 5.96
CA GLY A 72 -18.26 -7.97 7.06
C GLY A 72 -17.70 -8.68 8.25
N ASP A 73 -16.59 -9.39 8.06
CA ASP A 73 -16.04 -10.22 9.15
C ASP A 73 -14.51 -10.18 9.16
N GLY A 74 -14.00 -8.94 9.16
CA GLY A 74 -12.56 -8.67 9.24
C GLY A 74 -12.05 -9.13 10.59
N PRO A 75 -10.73 -9.15 10.73
CA PRO A 75 -9.78 -8.72 9.71
C PRO A 75 -9.30 -9.81 8.77
N VAL A 76 -8.70 -9.36 7.65
CA VAL A 76 -7.79 -10.20 6.86
C VAL A 76 -6.38 -10.07 7.45
N ILE A 77 -5.68 -11.16 7.65
CA ILE A 77 -4.30 -11.09 8.15
C ILE A 77 -3.37 -11.23 6.95
N TRP A 78 -2.71 -10.13 6.60
CA TRP A 78 -1.79 -10.11 5.46
C TRP A 78 -0.36 -10.29 5.93
N ASP A 79 0.49 -10.82 5.05
CA ASP A 79 1.94 -10.71 5.27
C ASP A 79 2.43 -9.26 5.15
N TYR A 80 1.93 -8.58 4.14
CA TYR A 80 2.12 -7.13 3.98
C TYR A 80 0.96 -6.64 3.11
N HIS A 81 0.72 -5.34 3.13
CA HIS A 81 -0.24 -4.75 2.21
C HIS A 81 0.30 -3.38 1.79
N VAL A 82 -0.01 -2.93 0.59
CA VAL A 82 0.49 -1.66 0.11
C VAL A 82 -0.71 -0.86 -0.37
N VAL A 83 -0.69 0.43 -0.03
CA VAL A 83 -1.68 1.37 -0.49
C VAL A 83 -1.00 2.66 -1.00
N LEU A 84 -1.77 3.50 -1.68
CA LEU A 84 -1.28 4.81 -2.13
CA LEU A 84 -1.23 4.80 -2.06
C LEU A 84 -1.86 5.88 -1.17
N LEU A 85 -1.02 6.84 -0.73
N LEU A 85 -1.07 6.88 -0.79
CA LEU A 85 -1.47 7.98 0.06
CA LEU A 85 -1.53 7.95 0.06
C LEU A 85 -1.27 9.25 -0.76
C LEU A 85 -1.25 9.27 -0.65
N HIS A 86 -2.29 10.09 -0.81
CA HIS A 86 -2.18 11.39 -1.44
C HIS A 86 -2.41 12.48 -0.39
N VAL A 87 -1.43 13.35 -0.16
CA VAL A 87 -1.57 14.47 0.74
C VAL A 87 -2.01 15.64 -0.11
N SER A 88 -3.30 15.93 -0.10
CA SER A 88 -3.80 16.99 -0.97
C SER A 88 -3.52 18.38 -0.39
N SER A 89 -3.54 19.40 -1.22
CA SER A 89 -3.28 20.74 -0.70
C SER A 89 -4.37 21.19 0.28
N GLY A 90 -5.58 20.61 0.16
CA GLY A 90 -6.80 21.11 0.85
C GLY A 90 -6.98 20.86 2.36
N GLY A 91 -6.03 20.16 2.97
CA GLY A 91 -6.02 20.04 4.43
C GLY A 91 -6.21 18.60 4.81
N GLN A 92 -5.87 17.72 3.88
CA GLN A 92 -6.41 16.39 3.96
C GLN A 92 -5.68 15.37 3.14
N SER A 93 -5.43 14.22 3.78
CA SER A 93 -4.88 13.09 3.05
C SER A 93 -5.97 12.09 2.65
N PHE A 94 -5.67 11.34 1.59
CA PHE A 94 -6.57 10.30 1.11
C PHE A 94 -5.83 9.02 0.87
N ILE A 95 -6.48 7.89 1.12
CA ILE A 95 -5.89 6.56 0.89
C ILE A 95 -6.59 5.96 -0.32
N TYR A 96 -5.77 5.44 -1.24
CA TYR A 96 -6.24 4.66 -2.39
C TYR A 96 -5.83 3.20 -2.19
N ASP A 97 -6.83 2.39 -1.81
CA ASP A 97 -6.61 0.98 -1.57
C ASP A 97 -7.59 0.19 -2.41
N LEU A 98 -7.11 -0.37 -3.53
CA LEU A 98 -8.02 -1.13 -4.41
C LEU A 98 -8.69 -2.32 -3.72
N ASP A 99 -8.09 -2.78 -2.61
CA ASP A 99 -8.60 -3.95 -1.87
C ASP A 99 -9.52 -3.59 -0.73
N THR A 100 -9.79 -2.31 -0.50
CA THR A 100 -10.72 -1.97 0.59
C THR A 100 -12.18 -1.98 0.13
N VAL A 101 -13.09 -2.30 1.06
CA VAL A 101 -14.50 -2.05 0.82
C VAL A 101 -14.94 -0.61 1.17
N LEU A 102 -14.04 0.14 1.80
CA LEU A 102 -14.26 1.58 1.98
C LEU A 102 -14.20 2.24 0.60
N PRO A 103 -14.60 3.50 0.50
CA PRO A 103 -14.53 4.19 -0.79
C PRO A 103 -13.14 4.26 -1.38
N PHE A 104 -13.10 4.38 -2.71
CA PHE A 104 -11.85 4.52 -3.42
C PHE A 104 -11.85 5.79 -4.24
N PRO A 105 -11.16 6.86 -3.77
CA PRO A 105 -10.34 6.92 -2.55
C PRO A 105 -11.16 7.22 -1.27
N CYS A 106 -10.46 7.05 -0.13
CA CYS A 106 -11.05 7.17 1.19
C CYS A 106 -10.30 8.27 1.97
N LEU A 107 -11.00 9.11 2.71
CA LEU A 107 -10.34 10.03 3.65
C LEU A 107 -9.40 9.24 4.55
N PHE A 108 -8.19 9.77 4.75
CA PHE A 108 -7.20 9.10 5.60
C PHE A 108 -7.73 8.78 7.00
N ASP A 109 -8.40 9.73 7.65
CA ASP A 109 -8.82 9.50 9.05
C ASP A 109 -9.82 8.36 9.07
N THR A 110 -10.65 8.28 8.05
CA THR A 110 -11.64 7.17 7.99
C THR A 110 -10.96 5.84 7.77
N TYR A 111 -9.97 5.81 6.88
CA TYR A 111 -9.25 4.57 6.64
C TYR A 111 -8.53 4.08 7.92
N VAL A 112 -7.84 4.98 8.59
CA VAL A 112 -7.18 4.60 9.83
C VAL A 112 -8.19 4.17 10.90
N GLU A 113 -9.32 4.86 11.01
CA GLU A 113 -10.29 4.51 12.05
C GLU A 113 -10.98 3.15 11.80
N ASP A 114 -11.29 2.90 10.54
CA ASP A 114 -12.15 1.73 10.20
C ASP A 114 -11.38 0.55 9.64
N ALA A 115 -10.35 0.79 8.83
CA ALA A 115 -9.55 -0.31 8.27
C ALA A 115 -8.38 -0.71 9.14
N ILE A 116 -7.71 0.29 9.73
CA ILE A 116 -6.50 -0.03 10.52
C ILE A 116 -6.88 -0.32 12.00
N LYS A 117 -7.60 0.63 12.60
CA LYS A 117 -8.03 0.54 14.01
C LYS A 117 -6.84 0.66 14.99
N SER A 118 -7.16 0.80 16.27
CA SER A 118 -6.13 0.98 17.28
C SER A 118 -5.27 -0.26 17.46
N ASP A 119 -3.98 -0.06 17.71
CA ASP A 119 -3.12 -1.14 18.16
C ASP A 119 -3.14 -1.41 19.68
N ASP A 120 -3.83 -0.54 20.45
CA ASP A 120 -3.76 -0.61 21.91
C ASP A 120 -4.06 -1.99 22.52
N ASP A 121 -5.06 -2.69 21.98
CA ASP A 121 -5.47 -3.97 22.55
C ASP A 121 -5.21 -5.10 21.54
N ILE A 122 -4.40 -4.82 20.53
CA ILE A 122 -3.96 -5.85 19.62
C ILE A 122 -2.74 -6.59 20.21
N HIS A 123 -2.76 -7.91 20.09
CA HIS A 123 -1.61 -8.71 20.55
C HIS A 123 -0.33 -8.12 19.90
N PRO A 124 0.71 -7.80 20.70
CA PRO A 124 1.85 -7.03 20.17
C PRO A 124 2.49 -7.51 18.85
N GLN A 125 2.49 -8.82 18.61
CA GLN A 125 3.14 -9.30 17.40
C GLN A 125 2.34 -9.04 16.15
N PHE A 126 1.10 -8.60 16.31
CA PHE A 126 0.26 -8.22 15.17
C PHE A 126 0.21 -6.69 14.94
N ARG A 127 0.95 -5.91 15.71
CA ARG A 127 0.82 -4.47 15.57
C ARG A 127 1.42 -3.99 14.25
N ARG A 128 0.93 -2.85 13.77
CA ARG A 128 1.20 -2.44 12.38
C ARG A 128 2.34 -1.40 12.37
N LYS A 129 3.26 -1.56 11.41
CA LYS A 129 4.25 -0.51 11.07
C LYS A 129 4.04 -0.09 9.63
N PHE A 130 4.57 1.08 9.27
CA PHE A 130 4.28 1.69 7.98
C PHE A 130 5.59 2.16 7.38
N ARG A 131 5.91 1.70 6.17
CA ARG A 131 7.05 2.25 5.45
C ARG A 131 6.48 3.16 4.38
N VAL A 132 6.85 4.44 4.45
CA VAL A 132 6.29 5.46 3.57
C VAL A 132 7.37 5.90 2.60
N ILE A 133 7.10 5.68 1.31
CA ILE A 133 8.11 5.98 0.27
C ILE A 133 7.48 7.03 -0.66
N CYS A 134 8.20 8.12 -0.91
CA CYS A 134 7.75 9.07 -1.93
C CYS A 134 7.48 8.35 -3.24
N ALA A 135 6.40 8.74 -3.93
CA ALA A 135 6.05 8.05 -5.15
C ALA A 135 7.15 8.11 -6.22
N ASP A 136 7.85 9.23 -6.32
CA ASP A 136 8.92 9.29 -7.30
C ASP A 136 10.04 8.31 -7.03
N SER A 137 10.38 8.15 -5.75
CA SER A 137 11.38 7.17 -5.32
C SER A 137 10.88 5.74 -5.53
N TYR A 138 9.61 5.51 -5.25
CA TYR A 138 9.07 4.16 -5.46
C TYR A 138 9.16 3.74 -6.94
N LEU A 139 8.72 4.64 -7.84
CA LEU A 139 8.88 4.39 -9.28
C LEU A 139 10.34 4.23 -9.72
N LYS A 140 11.25 5.01 -9.11
CA LYS A 140 12.66 4.95 -9.50
C LYS A 140 13.30 3.63 -9.06
N ASN A 141 12.92 3.16 -7.86
CA ASN A 141 13.73 2.16 -7.14
C ASN A 141 13.10 0.76 -6.99
N PHE A 142 11.77 0.69 -7.08
CA PHE A 142 11.13 -0.61 -6.82
C PHE A 142 11.45 -1.61 -7.93
N ALA A 143 11.64 -2.85 -7.52
CA ALA A 143 11.78 -3.95 -8.51
C ALA A 143 11.24 -5.28 -7.93
N SER A 144 10.45 -5.98 -8.75
CA SER A 144 9.98 -7.30 -8.37
C SER A 144 9.96 -8.27 -9.53
N ASP A 145 10.59 -9.42 -9.34
CA ASP A 145 10.55 -10.48 -10.36
C ASP A 145 9.42 -11.50 -10.08
N ARG A 146 8.60 -11.18 -9.07
CA ARG A 146 7.38 -11.97 -8.74
C ARG A 146 7.71 -13.34 -8.16
N SER A 147 9.00 -13.61 -7.89
CA SER A 147 9.43 -14.96 -7.48
C SER A 147 8.87 -15.43 -6.14
N HIS A 148 8.43 -14.47 -5.32
CA HIS A 148 7.84 -14.78 -4.03
C HIS A 148 6.44 -15.40 -4.19
N MSE A 149 5.88 -15.30 -5.39
CA MSE A 149 4.52 -15.82 -5.61
C MSE A 149 4.49 -17.16 -6.30
O MSE A 149 3.41 -17.67 -6.65
CB MSE A 149 3.69 -14.80 -6.42
CG MSE A 149 3.49 -13.50 -5.69
SE MSE A 149 2.35 -13.76 -4.11
CE MSE A 149 0.64 -13.90 -5.06
N LYS A 150 5.68 -17.75 -6.49
CA LYS A 150 5.78 -19.06 -7.13
C LYS A 150 6.20 -20.01 -6.03
N ASP A 151 5.42 -21.07 -5.83
CA ASP A 151 5.74 -22.01 -4.75
C ASP A 151 6.82 -23.04 -5.14
N SER A 152 7.09 -23.98 -4.23
CA SER A 152 8.06 -25.07 -4.42
C SER A 152 7.88 -25.89 -5.71
N SER A 153 6.65 -25.93 -6.21
CA SER A 153 6.24 -26.93 -7.22
C SER A 153 6.76 -26.92 -8.69
N GLY A 154 6.82 -25.77 -9.37
CA GLY A 154 6.59 -24.43 -8.81
C GLY A 154 5.45 -23.64 -9.44
N ASN A 155 4.32 -23.63 -8.76
CA ASN A 155 3.10 -23.02 -9.27
C ASN A 155 2.85 -21.66 -8.72
N TRP A 156 2.04 -20.88 -9.43
CA TRP A 156 1.72 -19.54 -8.97
C TRP A 156 0.65 -19.54 -7.89
N ARG A 157 0.93 -18.86 -6.78
CA ARG A 157 -0.05 -18.76 -5.70
C ARG A 157 -1.31 -18.00 -6.16
N GLU A 158 -1.08 -16.93 -6.90
CA GLU A 158 -2.13 -16.19 -7.57
C GLU A 158 -1.62 -15.79 -8.95
N PRO A 159 -2.49 -15.68 -9.95
CA PRO A 159 -2.00 -15.39 -11.32
C PRO A 159 -1.26 -14.09 -11.42
N PRO A 160 -0.04 -14.11 -11.95
CA PRO A 160 0.69 -12.85 -12.04
C PRO A 160 0.10 -11.89 -13.06
N PRO A 161 0.39 -10.60 -12.93
CA PRO A 161 -0.06 -9.59 -13.90
C PRO A 161 0.52 -9.88 -15.29
N PRO A 162 -0.16 -9.44 -16.37
CA PRO A 162 0.28 -9.79 -17.73
C PRO A 162 1.40 -8.96 -18.28
N TYR A 163 1.62 -7.76 -17.71
CA TYR A 163 2.64 -6.85 -18.24
C TYR A 163 4.02 -7.30 -17.64
N PRO A 164 5.13 -6.85 -18.25
CA PRO A 164 6.47 -7.29 -17.83
C PRO A 164 6.73 -6.91 -16.38
N CYS A 165 7.56 -7.74 -15.72
CA CYS A 165 8.01 -7.38 -14.36
C CYS A 165 8.64 -6.00 -14.31
N ILE A 166 8.39 -5.36 -13.18
CA ILE A 166 8.98 -4.04 -12.88
C ILE A 166 10.42 -4.31 -12.47
N GLU A 167 11.37 -3.71 -13.17
CA GLU A 167 12.78 -3.87 -12.82
C GLU A 167 13.46 -2.55 -13.02
N THR A 168 14.63 -2.43 -12.40
CA THR A 168 15.42 -1.21 -12.58
C THR A 168 16.84 -1.61 -13.04
N GLY A 169 17.67 -0.62 -13.31
CA GLY A 169 19.08 -0.90 -13.66
C GLY A 169 19.83 -1.51 -12.48
N ASP A 170 19.42 -1.20 -11.26
CA ASP A 170 20.14 -1.66 -10.07
C ASP A 170 19.63 -3.00 -9.53
N SER A 171 18.39 -3.38 -9.85
CA SER A 171 17.84 -4.60 -9.23
C SER A 171 16.75 -5.20 -10.07
N LYS A 172 16.70 -6.53 -10.06
CA LYS A 172 15.51 -7.20 -10.61
C LYS A 172 14.52 -7.65 -9.47
N MSE A 173 14.94 -7.49 -8.21
CA MSE A 173 14.09 -7.93 -7.11
C MSE A 173 14.57 -7.30 -5.81
O MSE A 173 15.64 -7.67 -5.32
CB MSE A 173 14.13 -9.45 -6.98
CG MSE A 173 13.33 -10.09 -5.81
SE MSE A 173 11.49 -9.43 -5.80
CE MSE A 173 10.57 -10.95 -5.04
N ASN A 174 13.73 -6.43 -5.23
CA ASN A 174 14.07 -5.88 -3.92
C ASN A 174 12.82 -5.72 -3.07
N LEU A 175 11.76 -6.46 -3.36
CA LEU A 175 10.52 -6.43 -2.60
C LEU A 175 10.78 -6.56 -1.08
N ASN A 176 11.65 -7.48 -0.67
CA ASN A 176 11.86 -7.68 0.76
C ASN A 176 12.35 -6.40 1.45
N ASP A 177 13.03 -5.55 0.70
CA ASP A 177 13.54 -4.27 1.26
C ASP A 177 12.45 -3.23 1.46
N PHE A 178 11.28 -3.44 0.86
CA PHE A 178 10.10 -2.59 1.11
C PHE A 178 9.19 -3.23 2.18
N ILE A 179 9.05 -4.57 2.19
CA ILE A 179 8.27 -5.26 3.21
C ILE A 179 8.94 -5.11 4.58
N SER A 180 10.27 -5.07 4.60
CA SER A 180 11.02 -4.91 5.84
C SER A 180 10.58 -3.64 6.54
N MSE A 181 10.45 -3.72 7.88
CA MSE A 181 10.14 -2.53 8.68
C MSE A 181 11.37 -2.11 9.50
O MSE A 181 11.26 -1.39 10.49
CB MSE A 181 8.91 -2.76 9.57
CG MSE A 181 7.66 -3.02 8.74
SE MSE A 181 7.05 -1.40 7.84
CE MSE A 181 6.80 -2.16 6.06
N ASP A 182 12.53 -2.57 9.04
CA ASP A 182 13.82 -2.16 9.62
C ASP A 182 14.17 -0.79 9.05
N PRO A 183 14.20 0.25 9.90
CA PRO A 183 14.50 1.59 9.36
C PRO A 183 15.87 1.73 8.65
N LYS A 184 16.80 0.83 8.93
CA LYS A 184 18.13 0.88 8.29
C LYS A 184 18.16 0.31 6.87
N VAL A 185 17.08 -0.37 6.49
CA VAL A 185 16.93 -1.04 5.20
C VAL A 185 16.09 -0.19 4.23
N GLY A 186 16.43 -0.21 2.95
CA GLY A 186 15.53 0.25 1.89
C GLY A 186 15.36 1.75 1.81
N TRP A 187 14.23 2.14 1.21
CA TRP A 187 13.92 3.54 0.94
C TRP A 187 12.73 4.03 1.75
N GLY A 188 12.65 5.34 1.92
CA GLY A 188 11.53 5.89 2.64
C GLY A 188 11.80 5.85 4.13
N ALA A 189 10.73 6.06 4.90
CA ALA A 189 10.85 6.13 6.35
C ALA A 189 9.84 5.18 6.96
N VAL A 190 10.28 4.51 8.04
CA VAL A 190 9.42 3.55 8.77
C VAL A 190 8.85 4.25 10.02
N TYR A 191 7.54 4.12 10.18
CA TYR A 191 6.78 4.76 11.27
C TYR A 191 5.96 3.75 12.05
N THR A 192 5.87 3.95 13.36
CA THR A 192 4.86 3.21 14.13
C THR A 192 3.48 3.76 13.76
N LEU A 193 2.42 3.03 14.15
CA LEU A 193 1.05 3.47 13.88
C LEU A 193 0.84 4.90 14.46
N SER A 194 1.27 5.13 15.71
CA SER A 194 1.13 6.46 16.29
C SER A 194 1.87 7.54 15.45
N GLU A 195 3.11 7.26 15.03
CA GLU A 195 3.88 8.27 14.28
C GLU A 195 3.26 8.50 12.90
N PHE A 196 2.75 7.42 12.29
CA PHE A 196 2.14 7.50 10.96
C PHE A 196 0.88 8.38 11.03
N THR A 197 0.04 8.15 12.03
CA THR A 197 -1.19 8.94 12.15
CA THR A 197 -1.19 8.92 12.21
C THR A 197 -0.85 10.37 12.55
N HIS A 198 0.19 10.57 13.36
CA HIS A 198 0.61 11.93 13.71
C HIS A 198 1.04 12.73 12.48
N ARG A 199 1.73 12.03 11.56
CA ARG A 199 2.23 12.73 10.38
C ARG A 199 1.10 13.07 9.40
N PHE A 200 0.19 12.14 9.17
CA PHE A 200 -0.78 12.35 8.08
C PHE A 200 -2.24 12.60 8.50
N GLY A 201 -2.52 12.37 9.77
CA GLY A 201 -3.87 12.49 10.30
C GLY A 201 -4.33 13.91 10.45
N SER A 202 -5.64 14.10 10.39
CA SER A 202 -6.22 15.45 10.48
C SER A 202 -6.86 15.59 11.85
N SER B 1 1.60 -10.76 -2.04
CA SER B 1 1.02 -10.75 -0.68
C SER B 1 0.15 -11.98 -0.56
N THR B 2 -0.19 -12.31 0.67
CA THR B 2 -1.00 -13.47 0.97
C THR B 2 -1.73 -13.27 2.28
N ALA B 3 -2.99 -13.70 2.28
CA ALA B 3 -3.81 -13.83 3.50
C ALA B 3 -3.15 -14.83 4.49
S SO4 C . -16.07 2.86 -4.70
O1 SO4 C . -15.46 4.11 -4.33
O2 SO4 C . -15.35 2.29 -5.81
O3 SO4 C . -16.05 1.95 -3.57
O4 SO4 C . -17.46 3.13 -5.11
S SO4 D . 7.81 -11.15 -17.30
O1 SO4 D . 8.80 -10.09 -16.94
O2 SO4 D . 6.46 -10.63 -17.07
O3 SO4 D . 7.93 -11.50 -18.75
O4 SO4 D . 8.02 -12.43 -16.56
S SO4 E . -15.13 -5.37 9.05
O1 SO4 E . -13.90 -5.74 8.35
O2 SO4 E . -16.23 -5.02 8.18
O3 SO4 E . -15.53 -6.58 9.77
O4 SO4 E . -14.93 -4.26 10.04
S SO4 F . -10.81 0.20 17.80
O1 SO4 F . -9.88 1.13 17.14
O2 SO4 F . -12.12 0.30 17.14
O3 SO4 F . -10.45 -1.24 17.82
O4 SO4 F . -10.94 0.63 19.21
S SO4 G . 1.31 -3.44 25.85
O1 SO4 G . 2.19 -2.46 25.17
O2 SO4 G . 1.71 -4.80 25.54
O3 SO4 G . 1.40 -3.24 27.30
O4 SO4 G . -0.07 -3.20 25.41
C CO3 H . 9.21 9.96 3.32
O1 CO3 H . 10.39 9.72 2.82
O2 CO3 H . 8.57 11.09 3.03
O3 CO3 H . 8.65 9.08 4.13
C1 EDO I . 6.45 -12.03 0.52
O1 EDO I . 6.16 -11.85 1.92
C2 EDO I . 7.97 -12.05 0.35
O2 EDO I . 8.46 -13.19 1.08
C1 EDO J . -3.73 3.04 -12.73
O1 EDO J . -3.96 1.66 -12.50
C2 EDO J . -4.70 3.65 -13.70
O2 EDO J . -4.89 2.78 -14.79
C1 EDO K . 5.61 -1.77 -15.73
O1 EDO K . 4.73 -1.25 -16.78
C2 EDO K . 6.79 -2.55 -16.31
O2 EDO K . 6.31 -3.56 -17.22
C1 EDO L . 5.69 11.94 -17.22
O1 EDO L . 5.79 10.53 -16.98
C2 EDO L . 6.98 12.39 -17.87
O2 EDO L . 8.00 12.21 -16.90
C1 EDO M . -12.72 -6.40 16.47
O1 EDO M . -12.10 -5.20 16.00
C2 EDO M . -13.37 -7.06 15.28
O2 EDO M . -12.46 -7.96 14.65
#